data_1Y5M
#
_entry.id   1Y5M
#
_cell.length_a   96.718
_cell.length_b   96.718
_cell.length_c   219.302
_cell.angle_alpha   90.00
_cell.angle_beta   90.00
_cell.angle_gamma   90.00
#
_symmetry.space_group_name_H-M   'P 41 2 2'
#
loop_
_entity.id
_entity.type
_entity.pdbx_description
1 polymer 'Corticosteroid 11-beta-dehydrogenase, isozyme 1'
2 non-polymer 'SULFATE ION'
3 non-polymer 'NADPH DIHYDRO-NICOTINAMIDE-ADENINE-DINUCLEOTIDE PHOSPHATE'
4 non-polymer N-OCTANE
5 water water
#
_entity_poly.entity_id   1
_entity_poly.type   'polypeptide(L)'
_entity_poly.pdbx_seq_one_letter_code
;MHHHHHHNEEFRPEMLQGKKVIVTGASKGIGREMAYHLSKMGAHVVLTARSEEGLQKVVSRCLELGAASAHYIAGTMEDM
TFAEQFIVKAGKLMGGLDMLILNHITQTSLSLFHDDIHSVRRVMEVNFLSYVVMSTAALPMLKQSNGSIAVISSLAGKMT
QPMIAPYSASKFALDGFFSTIRTELYITKVNVSITLCVLGLIDTETAMKEISGIINAQASPKEECALEIIKGTALRKSEV
YYDKSPLTPILLGNPGRKIMEFFSLRYYNKDMFVSN
;
_entity_poly.pdbx_strand_id   A,B
#
loop_
_chem_comp.id
_chem_comp.type
_chem_comp.name
_chem_comp.formula
NDP non-polymer 'NADPH DIHYDRO-NICOTINAMIDE-ADENINE-DINUCLEOTIDE PHOSPHATE' 'C21 H30 N7 O17 P3'
OCT non-polymer N-OCTANE 'C8 H18'
SO4 non-polymer 'SULFATE ION' 'O4 S -2'
#
# COMPACT_ATOMS: atom_id res chain seq x y z
N GLU A 9 -12.35 17.30 24.28
CA GLU A 9 -12.47 18.18 23.07
C GLU A 9 -13.70 17.82 22.24
N GLU A 10 -14.56 18.80 22.03
CA GLU A 10 -15.79 18.59 21.26
C GLU A 10 -15.82 19.55 20.07
N PHE A 11 -16.44 19.13 18.97
CA PHE A 11 -16.50 19.93 17.76
C PHE A 11 -17.52 21.08 17.80
N ARG A 12 -17.16 22.18 17.14
CA ARG A 12 -17.99 23.36 17.02
C ARG A 12 -17.77 23.89 15.61
N PRO A 13 -18.85 24.08 14.83
CA PRO A 13 -18.67 24.58 13.47
C PRO A 13 -17.91 25.91 13.34
N GLU A 14 -17.63 26.55 14.47
CA GLU A 14 -16.88 27.80 14.46
C GLU A 14 -15.43 27.55 14.04
N MET A 15 -14.94 26.36 14.39
CA MET A 15 -13.56 25.95 14.09
C MET A 15 -13.17 26.02 12.62
N LEU A 16 -14.15 26.15 11.73
CA LEU A 16 -13.83 26.21 10.31
C LEU A 16 -14.16 27.55 9.69
N GLN A 17 -14.71 28.44 10.50
CA GLN A 17 -15.06 29.78 10.05
C GLN A 17 -13.76 30.48 9.66
N GLY A 18 -13.69 30.95 8.42
CA GLY A 18 -12.49 31.65 7.95
C GLY A 18 -11.32 30.79 7.50
N LYS A 19 -11.39 29.48 7.74
CA LYS A 19 -10.31 28.58 7.35
C LYS A 19 -10.16 28.46 5.84
N LYS A 20 -8.93 28.19 5.38
CA LYS A 20 -8.66 28.04 3.97
C LYS A 20 -8.55 26.54 3.68
N VAL A 21 -9.52 26.03 2.94
CA VAL A 21 -9.58 24.61 2.64
C VAL A 21 -9.61 24.22 1.16
N ILE A 22 -8.84 23.19 0.83
CA ILE A 22 -8.80 22.66 -0.52
C ILE A 22 -9.52 21.31 -0.48
N VAL A 23 -10.31 21.02 -1.51
CA VAL A 23 -11.03 19.75 -1.57
C VAL A 23 -10.93 19.17 -2.97
N THR A 24 -10.28 18.00 -3.11
CA THR A 24 -10.17 17.38 -4.43
C THR A 24 -11.37 16.47 -4.65
N GLY A 25 -11.60 16.07 -5.90
CA GLY A 25 -12.76 15.23 -6.20
C GLY A 25 -14.03 15.86 -5.64
N ALA A 26 -14.13 17.18 -5.73
CA ALA A 26 -15.28 17.90 -5.20
C ALA A 26 -16.45 18.08 -6.19
N SER A 27 -16.32 17.47 -7.35
CA SER A 27 -17.35 17.54 -8.37
C SER A 27 -18.64 16.81 -7.98
N LYS A 28 -18.50 15.75 -7.18
CA LYS A 28 -19.66 14.97 -6.73
C LYS A 28 -19.29 14.03 -5.58
N GLY A 29 -20.26 13.21 -5.17
CA GLY A 29 -20.02 12.27 -4.08
C GLY A 29 -19.69 12.93 -2.76
N ILE A 30 -18.78 12.32 -2.01
CA ILE A 30 -18.35 12.81 -0.70
C ILE A 30 -17.72 14.19 -0.81
N GLY A 31 -16.93 14.39 -1.86
CA GLY A 31 -16.26 15.66 -2.06
C GLY A 31 -17.22 16.84 -2.11
N ARG A 32 -18.24 16.74 -2.95
CA ARG A 32 -19.22 17.80 -3.09
C ARG A 32 -19.91 18.06 -1.76
N GLU A 33 -20.19 17.00 -1.02
CA GLU A 33 -20.85 17.10 0.27
C GLU A 33 -19.97 17.83 1.28
N MET A 34 -18.66 17.65 1.19
CA MET A 34 -17.76 18.32 2.11
C MET A 34 -17.68 19.80 1.75
N ALA A 35 -17.75 20.10 0.46
CA ALA A 35 -17.70 21.49 0.00
C ALA A 35 -18.89 22.22 0.63
N TYR A 36 -20.08 21.63 0.52
CA TYR A 36 -21.29 22.22 1.07
C TYR A 36 -21.19 22.48 2.56
N HIS A 37 -20.69 21.50 3.31
CA HIS A 37 -20.55 21.63 4.76
C HIS A 37 -19.52 22.69 5.15
N LEU A 38 -18.41 22.71 4.43
CA LEU A 38 -17.38 23.70 4.69
C LEU A 38 -17.95 25.08 4.38
N SER A 39 -18.76 25.16 3.33
CA SER A 39 -19.39 26.41 2.94
C SER A 39 -20.34 26.93 4.01
N LYS A 40 -21.16 26.05 4.58
CA LYS A 40 -22.11 26.44 5.61
C LYS A 40 -21.41 26.84 6.91
N MET A 41 -20.12 26.56 7.01
CA MET A 41 -19.38 26.90 8.21
C MET A 41 -18.57 28.18 7.99
N GLY A 42 -18.74 28.79 6.83
CA GLY A 42 -18.05 30.03 6.52
C GLY A 42 -16.56 29.85 6.27
N ALA A 43 -16.22 28.84 5.50
CA ALA A 43 -14.81 28.58 5.21
C ALA A 43 -14.49 29.04 3.80
N HIS A 44 -13.20 29.26 3.53
CA HIS A 44 -12.75 29.65 2.20
C HIS A 44 -12.46 28.30 1.55
N VAL A 45 -12.89 28.12 0.31
CA VAL A 45 -12.66 26.84 -0.32
C VAL A 45 -12.24 26.92 -1.78
N VAL A 46 -11.36 26.01 -2.18
CA VAL A 46 -10.93 25.92 -3.57
C VAL A 46 -11.15 24.45 -3.93
N LEU A 47 -11.95 24.22 -4.97
CA LEU A 47 -12.29 22.88 -5.41
C LEU A 47 -11.60 22.46 -6.71
N THR A 48 -11.48 21.15 -6.91
CA THR A 48 -10.87 20.64 -8.12
C THR A 48 -11.48 19.29 -8.51
N ALA A 49 -11.39 18.99 -9.80
CA ALA A 49 -11.91 17.76 -10.38
C ALA A 49 -11.63 17.91 -11.87
N ARG A 50 -12.11 16.97 -12.68
CA ARG A 50 -11.89 17.04 -14.13
C ARG A 50 -12.85 17.98 -14.84
N SER A 51 -14.15 17.81 -14.59
CA SER A 51 -15.15 18.63 -15.27
C SER A 51 -15.34 20.03 -14.71
N GLU A 52 -15.13 21.02 -15.57
CA GLU A 52 -15.28 22.43 -15.20
C GLU A 52 -16.77 22.74 -15.00
N GLU A 53 -17.61 22.13 -15.82
CA GLU A 53 -19.06 22.34 -15.74
C GLU A 53 -19.59 21.89 -14.38
N GLY A 54 -19.13 20.73 -13.91
CA GLY A 54 -19.58 20.23 -12.62
C GLY A 54 -19.07 21.05 -11.45
N LEU A 55 -17.84 21.54 -11.56
CA LEU A 55 -17.26 22.35 -10.49
C LEU A 55 -17.99 23.70 -10.38
N GLN A 56 -18.42 24.25 -11.51
CA GLN A 56 -19.12 25.54 -11.49
C GLN A 56 -20.42 25.46 -10.72
N LYS A 57 -21.15 24.36 -10.86
CA LYS A 57 -22.41 24.20 -10.15
C LYS A 57 -22.20 24.16 -8.63
N VAL A 58 -21.21 23.39 -8.19
CA VAL A 58 -20.94 23.28 -6.77
C VAL A 58 -20.39 24.59 -6.21
N VAL A 59 -19.53 25.26 -6.96
CA VAL A 59 -18.99 26.53 -6.48
C VAL A 59 -20.13 27.53 -6.29
N SER A 60 -21.09 27.52 -7.22
CA SER A 60 -22.22 28.43 -7.11
C SER A 60 -22.98 28.14 -5.83
N ARG A 61 -23.27 26.85 -5.63
CA ARG A 61 -24.01 26.41 -4.45
C ARG A 61 -23.27 26.76 -3.16
N CYS A 62 -21.94 26.75 -3.22
CA CYS A 62 -21.13 27.07 -2.04
C CYS A 62 -21.33 28.50 -1.53
N LEU A 63 -21.30 29.50 -2.42
CA LEU A 63 -21.51 30.87 -1.97
C LEU A 63 -22.96 30.96 -1.49
N GLU A 64 -23.84 30.32 -2.24
CA GLU A 64 -25.25 30.31 -1.90
C GLU A 64 -25.49 29.70 -0.53
N LEU A 65 -24.51 28.94 -0.02
CA LEU A 65 -24.64 28.31 1.29
C LEU A 65 -23.94 29.08 2.39
N GLY A 66 -23.11 30.04 2.02
CA GLY A 66 -22.43 30.84 3.03
C GLY A 66 -20.92 30.76 2.99
N ALA A 67 -20.37 30.19 1.93
CA ALA A 67 -18.92 30.09 1.80
C ALA A 67 -18.29 31.47 1.87
N ALA A 68 -17.28 31.63 2.71
CA ALA A 68 -16.60 32.91 2.85
C ALA A 68 -15.90 33.21 1.54
N SER A 69 -15.78 32.20 0.69
CA SER A 69 -15.12 32.33 -0.60
C SER A 69 -15.11 30.98 -1.30
N ALA A 70 -15.32 30.97 -2.61
CA ALA A 70 -15.34 29.72 -3.35
C ALA A 70 -14.76 29.85 -4.75
N HIS A 71 -13.86 28.93 -5.10
CA HIS A 71 -13.22 28.94 -6.41
C HIS A 71 -12.93 27.50 -6.87
N TYR A 72 -12.70 27.31 -8.16
CA TYR A 72 -12.40 25.98 -8.69
C TYR A 72 -11.28 26.01 -9.75
N ILE A 73 -10.58 24.88 -9.88
CA ILE A 73 -9.51 24.72 -10.86
C ILE A 73 -9.61 23.31 -11.42
N ALA A 74 -10.19 23.18 -12.61
CA ALA A 74 -10.37 21.87 -13.25
C ALA A 74 -9.07 21.28 -13.77
N GLY A 75 -8.96 19.95 -13.68
CA GLY A 75 -7.78 19.25 -14.15
C GLY A 75 -7.75 17.78 -13.77
N THR A 76 -6.82 17.03 -14.33
CA THR A 76 -6.70 15.61 -14.06
C THR A 76 -5.49 15.32 -13.16
N MET A 77 -5.74 14.58 -12.08
CA MET A 77 -4.69 14.25 -11.13
C MET A 77 -3.73 13.20 -11.66
N GLU A 78 -3.92 12.80 -12.90
CA GLU A 78 -3.05 11.83 -13.54
C GLU A 78 -1.75 12.56 -13.90
N ASP A 79 -1.86 13.88 -14.03
CA ASP A 79 -0.75 14.76 -14.36
C ASP A 79 -0.17 15.29 -13.04
N MET A 80 1.04 14.85 -12.70
CA MET A 80 1.67 15.26 -11.46
C MET A 80 2.05 16.75 -11.44
N THR A 81 2.35 17.32 -12.60
CA THR A 81 2.71 18.74 -12.63
C THR A 81 1.46 19.58 -12.34
N PHE A 82 0.30 19.13 -12.83
CA PHE A 82 -0.94 19.84 -12.56
C PHE A 82 -1.29 19.73 -11.08
N ALA A 83 -1.11 18.54 -10.51
CA ALA A 83 -1.42 18.31 -9.10
C ALA A 83 -0.58 19.24 -8.26
N GLU A 84 0.69 19.33 -8.61
CA GLU A 84 1.62 20.18 -7.89
C GLU A 84 1.26 21.66 -8.03
N GLN A 85 1.04 22.11 -9.26
CA GLN A 85 0.71 23.51 -9.50
C GLN A 85 -0.67 23.88 -8.99
N PHE A 86 -1.54 22.89 -8.87
CA PHE A 86 -2.90 23.16 -8.37
C PHE A 86 -2.80 23.71 -6.96
N ILE A 87 -2.02 23.02 -6.13
CA ILE A 87 -1.83 23.40 -4.73
C ILE A 87 -1.34 24.83 -4.59
N VAL A 88 -0.26 25.19 -5.28
CA VAL A 88 0.27 26.55 -5.18
C VAL A 88 -0.73 27.60 -5.65
N LYS A 89 -1.44 27.33 -6.74
CA LYS A 89 -2.44 28.28 -7.22
C LYS A 89 -3.53 28.46 -6.16
N ALA A 90 -4.02 27.36 -5.62
CA ALA A 90 -5.06 27.42 -4.59
C ALA A 90 -4.56 28.23 -3.41
N GLY A 91 -3.30 28.01 -3.06
CA GLY A 91 -2.69 28.73 -1.96
C GLY A 91 -2.68 30.23 -2.20
N LYS A 92 -2.37 30.63 -3.43
CA LYS A 92 -2.33 32.06 -3.77
C LYS A 92 -3.72 32.67 -3.72
N LEU A 93 -4.70 31.96 -4.30
CA LEU A 93 -6.07 32.42 -4.33
C LEU A 93 -6.64 32.71 -2.93
N MET A 94 -6.23 31.92 -1.95
CA MET A 94 -6.73 32.11 -0.59
C MET A 94 -5.70 32.76 0.31
N GLY A 95 -4.47 32.88 -0.16
CA GLY A 95 -3.43 33.49 0.65
C GLY A 95 -3.08 32.59 1.82
N GLY A 96 -2.89 31.30 1.54
CA GLY A 96 -2.57 30.34 2.59
C GLY A 96 -3.40 29.08 2.52
N LEU A 97 -3.20 28.17 3.47
CA LEU A 97 -3.94 26.92 3.48
C LEU A 97 -3.99 26.35 4.89
N ASP A 98 -5.19 26.05 5.38
CA ASP A 98 -5.36 25.50 6.72
C ASP A 98 -5.67 24.00 6.71
N MET A 99 -6.39 23.56 5.68
CA MET A 99 -6.79 22.16 5.58
C MET A 99 -6.83 21.65 4.15
N LEU A 100 -6.15 20.52 3.92
CA LEU A 100 -6.09 19.88 2.61
C LEU A 100 -6.87 18.57 2.72
N ILE A 101 -7.85 18.39 1.84
CA ILE A 101 -8.66 17.18 1.85
C ILE A 101 -8.46 16.41 0.55
N LEU A 102 -7.61 15.38 0.60
CA LEU A 102 -7.31 14.53 -0.55
C LEU A 102 -8.40 13.46 -0.61
N ASN A 103 -9.29 13.62 -1.59
CA ASN A 103 -10.45 12.76 -1.75
C ASN A 103 -10.63 12.07 -3.10
N HIS A 104 -10.03 12.60 -4.15
CA HIS A 104 -10.14 12.06 -5.50
C HIS A 104 -9.51 10.67 -5.71
N ILE A 105 -10.04 9.94 -6.69
CA ILE A 105 -9.55 8.60 -7.07
C ILE A 105 -9.81 8.46 -8.55
N THR A 106 -9.28 7.40 -9.16
CA THR A 106 -9.52 7.20 -10.57
C THR A 106 -10.65 6.18 -10.76
N GLN A 107 -11.36 6.28 -11.89
CA GLN A 107 -12.45 5.38 -12.20
C GLN A 107 -12.11 3.91 -11.92
N THR A 108 -12.82 3.33 -10.97
CA THR A 108 -12.60 1.94 -10.59
C THR A 108 -13.86 1.10 -10.78
N SER A 109 -13.68 -0.09 -11.31
CA SER A 109 -14.79 -1.00 -11.56
C SER A 109 -14.48 -2.34 -10.88
N LEU A 110 -15.49 -2.98 -10.29
CA LEU A 110 -15.28 -4.27 -9.62
C LEU A 110 -15.13 -5.41 -10.61
N SER A 111 -14.09 -6.23 -10.42
CA SER A 111 -13.84 -7.38 -11.28
C SER A 111 -12.66 -8.18 -10.75
N LEU A 112 -12.71 -9.50 -10.91
CA LEU A 112 -11.61 -10.32 -10.46
C LEU A 112 -10.42 -9.85 -11.28
N PHE A 113 -9.26 -9.71 -10.64
CA PHE A 113 -8.09 -9.23 -11.36
C PHE A 113 -7.61 -10.26 -12.37
N HIS A 114 -7.32 -9.80 -13.58
CA HIS A 114 -6.82 -10.68 -14.63
C HIS A 114 -5.41 -10.22 -14.98
N ASP A 115 -5.34 -9.15 -15.77
CA ASP A 115 -4.07 -8.55 -16.18
C ASP A 115 -4.28 -7.03 -16.16
N ASP A 116 -3.97 -6.36 -17.26
CA ASP A 116 -4.15 -4.92 -17.32
C ASP A 116 -3.26 -4.24 -16.28
N ILE A 117 -1.95 -4.27 -16.54
CA ILE A 117 -0.98 -3.66 -15.64
C ILE A 117 -1.06 -2.14 -15.78
N HIS A 118 -1.38 -1.67 -16.97
CA HIS A 118 -1.49 -0.24 -17.20
C HIS A 118 -2.58 0.37 -16.33
N SER A 119 -3.59 -0.44 -16.01
CA SER A 119 -4.68 0.03 -15.17
C SER A 119 -4.20 0.14 -13.73
N VAL A 120 -3.38 -0.82 -13.29
CA VAL A 120 -2.86 -0.81 -11.94
C VAL A 120 -1.96 0.42 -11.75
N ARG A 121 -1.15 0.74 -12.75
CA ARG A 121 -0.27 1.88 -12.67
C ARG A 121 -1.07 3.18 -12.58
N ARG A 122 -2.09 3.32 -13.41
CA ARG A 122 -2.91 4.52 -13.39
C ARG A 122 -3.53 4.68 -12.00
N VAL A 123 -3.98 3.57 -11.42
CA VAL A 123 -4.58 3.60 -10.10
C VAL A 123 -3.58 4.05 -9.03
N MET A 124 -2.35 3.53 -9.08
CA MET A 124 -1.35 3.92 -8.09
C MET A 124 -0.90 5.36 -8.31
N GLU A 125 -0.96 5.80 -9.56
CA GLU A 125 -0.57 7.14 -9.94
C GLU A 125 -1.55 8.19 -9.39
N VAL A 126 -2.83 7.99 -9.70
CA VAL A 126 -3.87 8.90 -9.27
C VAL A 126 -4.29 8.74 -7.81
N ASN A 127 -4.49 7.50 -7.39
CA ASN A 127 -4.92 7.20 -6.03
C ASN A 127 -3.82 7.36 -4.98
N PHE A 128 -2.58 7.11 -5.36
CA PHE A 128 -1.51 7.24 -4.39
C PHE A 128 -0.49 8.36 -4.64
N LEU A 129 0.20 8.30 -5.77
CA LEU A 129 1.22 9.29 -6.10
C LEU A 129 0.79 10.74 -6.08
N SER A 130 -0.37 11.04 -6.66
CA SER A 130 -0.86 12.41 -6.69
C SER A 130 -1.08 12.92 -5.27
N TYR A 131 -1.34 12.02 -4.33
CA TYR A 131 -1.56 12.42 -2.93
C TYR A 131 -0.24 12.83 -2.28
N VAL A 132 0.83 12.09 -2.54
CA VAL A 132 2.12 12.46 -1.95
C VAL A 132 2.62 13.76 -2.58
N VAL A 133 2.38 13.92 -3.88
CA VAL A 133 2.79 15.13 -4.58
C VAL A 133 2.09 16.36 -3.98
N MET A 134 0.77 16.29 -3.88
CA MET A 134 0.00 17.39 -3.33
C MET A 134 0.28 17.68 -1.87
N SER A 135 0.45 16.64 -1.06
CA SER A 135 0.73 16.84 0.35
C SER A 135 2.11 17.48 0.50
N THR A 136 3.05 17.06 -0.34
CA THR A 136 4.40 17.60 -0.29
C THR A 136 4.38 19.09 -0.63
N ALA A 137 3.68 19.44 -1.70
CA ALA A 137 3.60 20.84 -2.12
C ALA A 137 2.84 21.71 -1.12
N ALA A 138 1.89 21.13 -0.40
CA ALA A 138 1.09 21.89 0.54
C ALA A 138 1.66 22.00 1.95
N LEU A 139 2.65 21.18 2.25
CA LEU A 139 3.23 21.20 3.59
C LEU A 139 3.77 22.56 4.05
N PRO A 140 4.53 23.26 3.20
CA PRO A 140 5.06 24.57 3.62
C PRO A 140 3.99 25.48 4.21
N MET A 141 2.91 25.72 3.46
CA MET A 141 1.82 26.56 3.94
C MET A 141 1.14 25.97 5.17
N LEU A 142 1.00 24.64 5.19
CA LEU A 142 0.36 23.96 6.30
C LEU A 142 1.17 24.14 7.58
N LYS A 143 2.49 24.18 7.44
CA LYS A 143 3.34 24.38 8.60
C LYS A 143 3.14 25.78 9.17
N GLN A 144 2.88 26.75 8.30
CA GLN A 144 2.67 28.13 8.73
C GLN A 144 1.40 28.28 9.54
N SER A 145 0.34 27.56 9.17
CA SER A 145 -0.92 27.65 9.89
C SER A 145 -1.17 26.48 10.82
N ASN A 146 -0.19 25.60 10.97
CA ASN A 146 -0.35 24.42 11.81
C ASN A 146 -1.63 23.73 11.35
N GLY A 147 -1.76 23.61 10.02
CA GLY A 147 -2.94 23.01 9.43
C GLY A 147 -3.08 21.51 9.56
N SER A 148 -3.93 20.95 8.71
CA SER A 148 -4.19 19.52 8.73
C SER A 148 -4.41 18.96 7.34
N ILE A 149 -4.25 17.65 7.22
CA ILE A 149 -4.47 16.95 5.97
C ILE A 149 -5.41 15.79 6.25
N ALA A 150 -6.46 15.67 5.45
CA ALA A 150 -7.38 14.56 5.60
C ALA A 150 -7.14 13.66 4.41
N VAL A 151 -6.86 12.38 4.67
CA VAL A 151 -6.63 11.43 3.59
C VAL A 151 -7.80 10.47 3.58
N ILE A 152 -8.58 10.53 2.52
CA ILE A 152 -9.75 9.68 2.41
C ILE A 152 -9.38 8.28 1.93
N SER A 153 -9.74 7.29 2.73
CA SER A 153 -9.47 5.88 2.42
C SER A 153 -10.78 5.14 2.65
N SER A 154 -10.70 3.83 2.81
CA SER A 154 -11.88 3.03 3.05
C SER A 154 -11.52 1.76 3.79
N LEU A 155 -12.53 0.93 4.03
CA LEU A 155 -12.31 -0.33 4.72
C LEU A 155 -11.30 -1.13 3.89
N ALA A 156 -11.39 -1.00 2.57
CA ALA A 156 -10.50 -1.70 1.66
C ALA A 156 -9.04 -1.25 1.82
N GLY A 157 -8.81 -0.26 2.67
CA GLY A 157 -7.46 0.20 2.90
C GLY A 157 -6.97 -0.34 4.23
N LYS A 158 -7.84 -1.10 4.89
CA LYS A 158 -7.54 -1.69 6.19
C LYS A 158 -7.77 -3.20 6.16
N MET A 159 -8.56 -3.65 5.19
CA MET A 159 -8.86 -5.06 5.05
C MET A 159 -9.00 -5.40 3.58
N THR A 160 -9.11 -6.68 3.32
CA THR A 160 -9.20 -7.17 1.97
C THR A 160 -10.54 -7.78 1.61
N GLN A 161 -10.99 -7.48 0.39
CA GLN A 161 -12.27 -7.98 -0.15
C GLN A 161 -11.99 -8.25 -1.61
N PRO A 162 -12.63 -9.26 -2.19
CA PRO A 162 -12.34 -9.51 -3.61
C PRO A 162 -12.85 -8.48 -4.63
N MET A 163 -12.21 -8.49 -5.80
CA MET A 163 -12.57 -7.65 -6.94
C MET A 163 -12.09 -6.19 -7.00
N ILE A 164 -11.26 -5.78 -6.06
CA ILE A 164 -10.75 -4.40 -6.03
C ILE A 164 -9.27 -4.34 -5.65
N ALA A 165 -8.51 -5.37 -6.04
CA ALA A 165 -7.10 -5.44 -5.72
C ALA A 165 -6.30 -4.15 -5.98
N PRO A 166 -6.45 -3.53 -7.17
CA PRO A 166 -5.73 -2.29 -7.50
C PRO A 166 -6.08 -1.15 -6.54
N TYR A 167 -7.38 -0.90 -6.41
CA TYR A 167 -7.89 0.13 -5.53
C TYR A 167 -7.38 -0.14 -4.12
N SER A 168 -7.54 -1.39 -3.69
CA SER A 168 -7.12 -1.79 -2.35
C SER A 168 -5.63 -1.53 -2.13
N ALA A 169 -4.81 -1.87 -3.12
CA ALA A 169 -3.38 -1.66 -3.01
C ALA A 169 -3.06 -0.17 -2.81
N SER A 170 -3.75 0.70 -3.57
CA SER A 170 -3.53 2.14 -3.45
C SER A 170 -3.93 2.68 -2.08
N LYS A 171 -5.02 2.17 -1.50
CA LYS A 171 -5.45 2.66 -0.19
C LYS A 171 -4.55 2.16 0.94
N PHE A 172 -4.02 0.94 0.79
CA PHE A 172 -3.12 0.38 1.79
C PHE A 172 -1.84 1.22 1.73
N ALA A 173 -1.42 1.55 0.51
CA ALA A 173 -0.21 2.35 0.32
C ALA A 173 -0.37 3.71 1.04
N LEU A 174 -1.56 4.30 0.95
CA LEU A 174 -1.82 5.57 1.61
C LEU A 174 -1.60 5.49 3.11
N ASP A 175 -2.08 4.41 3.73
CA ASP A 175 -1.92 4.22 5.16
C ASP A 175 -0.42 4.11 5.49
N GLY A 176 0.28 3.26 4.74
CA GLY A 176 1.70 3.08 4.97
C GLY A 176 2.50 4.38 4.89
N PHE A 177 2.29 5.14 3.84
CA PHE A 177 3.01 6.40 3.65
C PHE A 177 2.64 7.48 4.66
N PHE A 178 1.36 7.84 4.69
CA PHE A 178 0.92 8.89 5.60
C PHE A 178 1.00 8.60 7.08
N SER A 179 1.00 7.32 7.46
CA SER A 179 1.13 7.02 8.88
C SER A 179 2.57 7.27 9.28
N THR A 180 3.48 7.08 8.32
CA THR A 180 4.89 7.32 8.56
C THR A 180 5.10 8.83 8.67
N ILE A 181 4.50 9.58 7.76
CA ILE A 181 4.62 11.03 7.75
C ILE A 181 4.07 11.60 9.05
N ARG A 182 2.92 11.09 9.49
CA ARG A 182 2.31 11.57 10.71
C ARG A 182 3.26 11.49 11.89
N THR A 183 3.91 10.34 12.04
CA THR A 183 4.83 10.17 13.15
C THR A 183 6.13 10.96 12.95
N GLU A 184 6.50 11.22 11.70
CA GLU A 184 7.72 12.00 11.45
C GLU A 184 7.46 13.46 11.81
N LEU A 185 6.29 13.96 11.45
CA LEU A 185 5.92 15.34 11.77
C LEU A 185 5.90 15.48 13.28
N TYR A 186 5.27 14.53 13.97
CA TYR A 186 5.17 14.54 15.42
C TYR A 186 6.53 14.39 16.10
N ILE A 187 7.37 13.52 15.54
CA ILE A 187 8.69 13.26 16.09
C ILE A 187 9.62 14.48 15.93
N THR A 188 9.37 15.31 14.92
CA THR A 188 10.18 16.50 14.68
C THR A 188 9.44 17.74 15.18
N LYS A 189 8.43 17.51 16.00
CA LYS A 189 7.62 18.57 16.59
C LYS A 189 7.02 19.62 15.66
N VAL A 190 6.55 19.18 14.50
CA VAL A 190 5.89 20.08 13.55
C VAL A 190 4.40 19.85 13.79
N ASN A 191 3.68 20.91 14.16
CA ASN A 191 2.26 20.79 14.46
C ASN A 191 1.29 20.71 13.27
N VAL A 192 1.46 19.71 12.43
CA VAL A 192 0.58 19.49 11.30
C VAL A 192 0.01 18.08 11.49
N SER A 193 -1.31 17.98 11.50
CA SER A 193 -1.96 16.70 11.72
C SER A 193 -2.41 15.98 10.44
N ILE A 194 -2.38 14.66 10.50
CA ILE A 194 -2.78 13.81 9.38
C ILE A 194 -3.91 12.92 9.85
N THR A 195 -5.07 13.05 9.24
CA THR A 195 -6.22 12.24 9.60
C THR A 195 -6.56 11.27 8.46
N LEU A 196 -6.44 9.97 8.72
CA LEU A 196 -6.78 8.97 7.72
C LEU A 196 -8.26 8.64 7.94
N CYS A 197 -9.07 8.79 6.91
CA CYS A 197 -10.49 8.53 7.05
C CYS A 197 -10.91 7.19 6.44
N VAL A 198 -11.26 6.25 7.30
CA VAL A 198 -11.67 4.92 6.88
C VAL A 198 -13.18 4.87 6.71
N LEU A 199 -13.61 4.87 5.45
CA LEU A 199 -15.01 4.88 5.12
C LEU A 199 -15.60 3.56 4.65
N GLY A 200 -16.77 3.24 5.19
CA GLY A 200 -17.48 2.05 4.76
C GLY A 200 -18.30 2.47 3.53
N LEU A 201 -19.21 1.61 3.08
CA LEU A 201 -20.02 1.90 1.92
C LEU A 201 -20.86 3.18 2.05
N ILE A 202 -20.67 4.11 1.12
CA ILE A 202 -21.42 5.36 1.13
C ILE A 202 -22.36 5.39 -0.09
N ASP A 203 -23.56 5.93 0.09
CA ASP A 203 -24.56 5.98 -0.98
C ASP A 203 -24.35 6.97 -2.13
N THR A 204 -23.13 7.13 -2.61
CA THR A 204 -22.88 8.02 -3.73
C THR A 204 -23.42 7.27 -4.94
N GLU A 205 -23.86 7.96 -5.98
CA GLU A 205 -24.39 7.25 -7.13
C GLU A 205 -23.31 6.46 -7.84
N THR A 206 -22.05 6.85 -7.65
CA THR A 206 -20.95 6.14 -8.29
C THR A 206 -20.81 4.77 -7.61
N ALA A 207 -20.77 4.76 -6.28
CA ALA A 207 -20.63 3.53 -5.52
C ALA A 207 -21.76 2.55 -5.81
N MET A 208 -22.99 3.01 -5.65
CA MET A 208 -24.17 2.18 -5.87
C MET A 208 -24.17 1.56 -7.27
N LYS A 209 -23.86 2.37 -8.27
CA LYS A 209 -23.83 1.88 -9.64
C LYS A 209 -22.80 0.76 -9.76
N GLU A 210 -21.63 0.98 -9.17
CA GLU A 210 -20.52 0.04 -9.24
C GLU A 210 -20.68 -1.33 -8.54
N ILE A 211 -21.43 -1.38 -7.44
CA ILE A 211 -21.60 -2.64 -6.74
C ILE A 211 -22.92 -3.34 -7.09
N SER A 212 -23.67 -2.75 -8.01
CA SER A 212 -24.95 -3.32 -8.44
C SER A 212 -24.79 -4.72 -9.02
N GLY A 213 -25.56 -5.67 -8.49
CA GLY A 213 -25.48 -7.04 -8.95
C GLY A 213 -24.24 -7.73 -8.41
N ILE A 214 -23.59 -7.11 -7.44
CA ILE A 214 -22.38 -7.69 -6.87
C ILE A 214 -22.38 -7.66 -5.35
N ILE A 215 -22.57 -6.48 -4.77
CA ILE A 215 -22.56 -6.36 -3.33
C ILE A 215 -23.90 -5.94 -2.74
N ASN A 216 -24.27 -6.64 -1.69
CA ASN A 216 -25.51 -6.53 -0.94
C ASN A 216 -25.58 -5.56 0.22
N ALA A 217 -24.43 -5.22 0.80
CA ALA A 217 -24.37 -4.33 1.96
C ALA A 217 -25.17 -3.03 1.89
N GLN A 218 -25.57 -2.54 3.06
CA GLN A 218 -26.32 -1.31 3.23
C GLN A 218 -25.34 -0.14 3.21
N ALA A 219 -25.73 0.97 2.58
CA ALA A 219 -24.87 2.13 2.48
C ALA A 219 -25.22 3.21 3.48
N SER A 220 -24.24 4.02 3.86
CA SER A 220 -24.48 5.11 4.81
C SER A 220 -24.70 6.42 4.04
N PRO A 221 -25.39 7.39 4.67
CA PRO A 221 -25.66 8.68 4.02
C PRO A 221 -24.37 9.48 3.77
N LYS A 222 -24.21 9.95 2.54
CA LYS A 222 -23.03 10.70 2.15
C LYS A 222 -22.87 12.03 2.85
N GLU A 223 -23.98 12.63 3.26
CA GLU A 223 -23.94 13.91 3.93
C GLU A 223 -23.33 13.82 5.33
N GLU A 224 -23.75 12.80 6.10
CA GLU A 224 -23.22 12.64 7.45
C GLU A 224 -21.75 12.22 7.37
N CYS A 225 -21.42 11.41 6.36
CA CYS A 225 -20.04 10.97 6.18
C CYS A 225 -19.15 12.20 6.01
N ALA A 226 -19.56 13.09 5.11
CA ALA A 226 -18.83 14.30 4.84
C ALA A 226 -18.60 15.09 6.12
N LEU A 227 -19.62 15.17 6.96
CA LEU A 227 -19.53 15.89 8.21
C LEU A 227 -18.50 15.27 9.17
N GLU A 228 -18.57 13.94 9.35
CA GLU A 228 -17.64 13.26 10.23
C GLU A 228 -16.19 13.43 9.81
N ILE A 229 -15.95 13.52 8.51
CA ILE A 229 -14.58 13.71 8.03
C ILE A 229 -14.10 15.10 8.46
N ILE A 230 -14.97 16.10 8.29
CA ILE A 230 -14.63 17.48 8.66
C ILE A 230 -14.34 17.53 10.16
N LYS A 231 -15.26 16.96 10.94
CA LYS A 231 -15.13 16.94 12.39
C LYS A 231 -13.84 16.31 12.88
N GLY A 232 -13.57 15.09 12.44
CA GLY A 232 -12.37 14.39 12.87
C GLY A 232 -11.07 15.10 12.50
N THR A 233 -11.05 15.68 11.31
CA THR A 233 -9.86 16.38 10.84
C THR A 233 -9.65 17.67 11.63
N ALA A 234 -10.74 18.41 11.88
CA ALA A 234 -10.65 19.65 12.63
C ALA A 234 -10.22 19.34 14.06
N LEU A 235 -10.60 18.16 14.55
CA LEU A 235 -10.24 17.74 15.90
C LEU A 235 -8.87 17.08 15.92
N ARG A 236 -8.19 17.12 14.77
CA ARG A 236 -6.85 16.56 14.61
C ARG A 236 -6.71 15.10 15.05
N LYS A 237 -7.73 14.31 14.78
CA LYS A 237 -7.68 12.89 15.13
C LYS A 237 -6.84 12.14 14.10
N SER A 238 -6.14 11.10 14.55
CA SER A 238 -5.30 10.29 13.66
C SER A 238 -6.12 9.52 12.63
N GLU A 239 -7.19 8.89 13.11
CA GLU A 239 -8.06 8.11 12.26
C GLU A 239 -9.53 8.34 12.55
N VAL A 240 -10.33 8.28 11.50
CA VAL A 240 -11.76 8.47 11.60
C VAL A 240 -12.42 7.31 10.86
N TYR A 241 -13.26 6.56 11.56
CA TYR A 241 -13.96 5.45 10.93
C TYR A 241 -15.41 5.86 10.79
N TYR A 242 -16.00 5.55 9.64
CA TYR A 242 -17.40 5.86 9.40
C TYR A 242 -18.00 4.72 8.58
N ASP A 243 -18.85 3.95 9.23
CA ASP A 243 -19.48 2.78 8.63
C ASP A 243 -20.76 2.48 9.41
N LYS A 244 -21.70 1.74 8.80
CA LYS A 244 -22.94 1.45 9.51
C LYS A 244 -22.72 0.65 10.80
N SER A 245 -21.85 -0.36 10.73
CA SER A 245 -21.58 -1.19 11.91
C SER A 245 -20.67 -0.56 12.95
N PRO A 246 -21.09 -0.58 14.22
CA PRO A 246 -20.27 -0.01 15.28
C PRO A 246 -19.07 -0.89 15.62
N LEU A 247 -19.03 -2.08 15.03
CA LEU A 247 -17.94 -3.01 15.27
C LEU A 247 -16.73 -2.73 14.37
N THR A 248 -16.96 -2.03 13.27
CA THR A 248 -15.90 -1.74 12.31
C THR A 248 -14.69 -1.03 12.92
N PRO A 249 -14.92 0.05 13.66
CA PRO A 249 -13.73 0.70 14.23
C PRO A 249 -12.94 -0.21 15.16
N ILE A 250 -13.64 -1.00 15.98
CA ILE A 250 -12.94 -1.88 16.91
C ILE A 250 -12.25 -3.06 16.22
N LEU A 251 -12.85 -3.60 15.16
CA LEU A 251 -12.25 -4.74 14.48
C LEU A 251 -11.15 -4.36 13.51
N LEU A 252 -11.13 -3.11 13.06
CA LEU A 252 -10.10 -2.68 12.12
C LEU A 252 -9.08 -1.74 12.73
N GLY A 253 -9.32 -1.33 13.97
CA GLY A 253 -8.43 -0.41 14.67
C GLY A 253 -7.00 -0.90 14.89
N ASN A 254 -6.82 -2.22 14.92
CA ASN A 254 -5.50 -2.83 15.09
C ASN A 254 -4.72 -2.28 16.30
N PRO A 255 -5.12 -2.65 17.52
CA PRO A 255 -4.40 -2.16 18.69
C PRO A 255 -2.98 -2.74 18.78
N GLY A 256 -2.81 -3.94 18.23
CA GLY A 256 -1.51 -4.58 18.25
C GLY A 256 -0.49 -3.73 17.51
N ARG A 257 -0.90 -3.15 16.39
CA ARG A 257 -0.03 -2.31 15.58
C ARG A 257 0.39 -1.06 16.37
N LYS A 258 -0.55 -0.49 17.14
CA LYS A 258 -0.25 0.71 17.92
C LYS A 258 0.81 0.40 18.97
N ILE A 259 0.70 -0.77 19.60
CA ILE A 259 1.68 -1.17 20.60
C ILE A 259 3.07 -1.30 19.95
N MET A 260 3.15 -2.01 18.82
CA MET A 260 4.42 -2.20 18.11
C MET A 260 5.05 -0.87 17.71
N GLU A 261 4.24 0.04 17.15
CA GLU A 261 4.77 1.33 16.72
C GLU A 261 5.36 2.13 17.87
N PHE A 262 4.68 2.11 19.01
CA PHE A 262 5.18 2.83 20.19
C PHE A 262 6.56 2.32 20.59
N PHE A 263 6.70 1.00 20.73
CA PHE A 263 7.97 0.42 21.14
C PHE A 263 9.06 0.46 20.09
N SER A 264 8.66 0.61 18.83
CA SER A 264 9.63 0.65 17.75
C SER A 264 10.49 1.90 17.81
N LEU A 265 9.90 3.02 18.21
CA LEU A 265 10.63 4.29 18.31
C LEU A 265 11.80 4.26 19.28
N ARG A 266 11.70 3.42 20.31
CA ARG A 266 12.75 3.34 21.31
C ARG A 266 14.09 2.87 20.74
N TYR A 267 14.07 2.32 19.52
CA TYR A 267 15.30 1.83 18.91
C TYR A 267 15.99 2.88 18.05
N TYR A 268 15.31 3.99 17.79
CA TYR A 268 15.88 5.04 16.96
C TYR A 268 16.83 5.95 17.74
N ASN A 269 17.86 6.42 17.04
CA ASN A 269 18.82 7.34 17.61
C ASN A 269 18.09 8.67 17.63
N LYS A 270 17.63 9.07 18.81
CA LYS A 270 16.87 10.32 18.95
C LYS A 270 17.50 11.57 18.35
N ASP A 271 18.77 11.50 17.94
CA ASP A 271 19.41 12.65 17.33
C ASP A 271 19.08 12.76 15.85
N MET A 272 18.46 11.72 15.30
CA MET A 272 18.10 11.72 13.89
C MET A 272 16.93 12.65 13.61
N PHE A 273 16.22 13.03 14.66
CA PHE A 273 15.09 13.93 14.53
C PHE A 273 14.86 14.82 15.74
N GLU B 9 0.41 -30.30 9.15
CA GLU B 9 1.48 -30.98 8.36
C GLU B 9 2.85 -30.37 8.65
N GLU B 10 3.89 -31.21 8.59
CA GLU B 10 5.24 -30.72 8.83
C GLU B 10 6.05 -30.71 7.54
N PHE B 11 7.08 -29.88 7.53
CA PHE B 11 7.94 -29.72 6.36
C PHE B 11 8.99 -30.81 6.22
N ARG B 12 9.31 -31.13 4.97
CA ARG B 12 10.31 -32.11 4.61
C ARG B 12 11.00 -31.59 3.36
N PRO B 13 12.32 -31.41 3.42
CA PRO B 13 13.07 -30.89 2.26
C PRO B 13 12.69 -31.55 0.93
N GLU B 14 12.24 -32.80 0.99
CA GLU B 14 11.84 -33.54 -0.19
C GLU B 14 10.68 -32.86 -0.94
N MET B 15 10.00 -31.95 -0.26
CA MET B 15 8.89 -31.23 -0.86
C MET B 15 9.34 -30.33 -2.00
N LEU B 16 10.63 -30.01 -2.04
CA LEU B 16 11.15 -29.14 -3.09
C LEU B 16 12.01 -29.85 -4.12
N GLN B 17 12.34 -31.09 -3.82
CA GLN B 17 13.15 -31.92 -4.71
C GLN B 17 12.48 -31.98 -6.09
N GLY B 18 13.16 -31.43 -7.09
CA GLY B 18 12.61 -31.43 -8.43
C GLY B 18 11.71 -30.27 -8.77
N LYS B 19 11.36 -29.46 -7.77
CA LYS B 19 10.49 -28.31 -7.98
C LYS B 19 11.18 -27.23 -8.80
N LYS B 20 10.42 -26.57 -9.68
CA LYS B 20 10.96 -25.51 -10.52
C LYS B 20 10.73 -24.17 -9.81
N VAL B 21 11.81 -23.52 -9.40
CA VAL B 21 11.69 -22.28 -8.66
C VAL B 21 12.41 -21.06 -9.19
N ILE B 22 11.74 -19.92 -9.13
CA ILE B 22 12.31 -18.63 -9.55
C ILE B 22 12.55 -17.82 -8.28
N VAL B 23 13.69 -17.15 -8.21
CA VAL B 23 14.02 -16.33 -7.05
C VAL B 23 14.60 -15.01 -7.54
N THR B 24 13.93 -13.90 -7.21
CA THR B 24 14.44 -12.59 -7.63
C THR B 24 15.31 -12.03 -6.52
N GLY B 25 16.11 -11.02 -6.84
CA GLY B 25 17.00 -10.43 -5.86
C GLY B 25 17.88 -11.53 -5.29
N ALA B 26 18.37 -12.40 -6.15
CA ALA B 26 19.20 -13.53 -5.72
C ALA B 26 20.71 -13.34 -5.66
N SER B 27 21.22 -12.19 -6.07
CA SER B 27 22.68 -11.98 -6.06
C SER B 27 23.26 -11.86 -4.66
N LYS B 28 22.42 -11.57 -3.67
CA LYS B 28 22.91 -11.43 -2.31
C LYS B 28 21.78 -11.46 -1.28
N GLY B 29 22.12 -11.14 -0.04
CA GLY B 29 21.15 -11.12 1.03
C GLY B 29 20.37 -12.41 1.20
N ILE B 30 19.12 -12.25 1.61
CA ILE B 30 18.24 -13.39 1.84
C ILE B 30 17.92 -14.15 0.56
N GLY B 31 17.91 -13.44 -0.57
CA GLY B 31 17.63 -14.08 -1.84
C GLY B 31 18.69 -15.12 -2.17
N ARG B 32 19.96 -14.76 -1.96
CA ARG B 32 21.06 -15.67 -2.22
C ARG B 32 20.98 -16.88 -1.30
N GLU B 33 20.64 -16.65 -0.04
CA GLU B 33 20.52 -17.73 0.94
C GLU B 33 19.38 -18.67 0.56
N MET B 34 18.33 -18.13 -0.05
CA MET B 34 17.21 -18.97 -0.46
C MET B 34 17.65 -19.86 -1.62
N ALA B 35 18.44 -19.31 -2.53
CA ALA B 35 18.95 -20.07 -3.66
C ALA B 35 19.75 -21.26 -3.15
N TYR B 36 20.62 -21.03 -2.17
CA TYR B 36 21.44 -22.09 -1.60
C TYR B 36 20.60 -23.17 -0.93
N HIS B 37 19.50 -22.76 -0.31
CA HIS B 37 18.62 -23.72 0.36
C HIS B 37 17.82 -24.56 -0.63
N LEU B 38 17.28 -23.92 -1.66
CA LEU B 38 16.52 -24.64 -2.66
C LEU B 38 17.43 -25.65 -3.36
N SER B 39 18.69 -25.25 -3.54
CA SER B 39 19.67 -26.10 -4.19
C SER B 39 19.94 -27.37 -3.38
N LYS B 40 20.28 -27.19 -2.11
CA LYS B 40 20.57 -28.33 -1.24
C LYS B 40 19.41 -29.32 -1.21
N MET B 41 18.22 -28.83 -1.51
CA MET B 41 17.02 -29.67 -1.50
C MET B 41 16.79 -30.32 -2.87
N GLY B 42 17.64 -29.98 -3.83
CA GLY B 42 17.54 -30.55 -5.16
C GLY B 42 16.48 -29.97 -6.07
N ALA B 43 16.32 -28.65 -6.02
CA ALA B 43 15.30 -28.01 -6.85
C ALA B 43 15.91 -27.41 -8.10
N HIS B 44 15.05 -27.15 -9.09
CA HIS B 44 15.50 -26.51 -10.33
C HIS B 44 15.36 -25.04 -9.97
N VAL B 45 16.34 -24.23 -10.33
CA VAL B 45 16.28 -22.83 -9.99
C VAL B 45 16.81 -21.89 -11.05
N VAL B 46 16.15 -20.74 -11.20
CA VAL B 46 16.59 -19.70 -12.13
C VAL B 46 16.52 -18.40 -11.34
N LEU B 47 17.68 -17.74 -11.23
CA LEU B 47 17.80 -16.52 -10.45
C LEU B 47 17.92 -15.26 -11.29
N THR B 48 17.63 -14.12 -10.66
CA THR B 48 17.72 -12.83 -11.32
C THR B 48 18.13 -11.71 -10.38
N ALA B 49 18.72 -10.68 -10.96
CA ALA B 49 19.20 -9.50 -10.25
C ALA B 49 19.87 -8.63 -11.31
N ARG B 50 20.45 -7.50 -10.90
CA ARG B 50 21.11 -6.63 -11.87
C ARG B 50 22.56 -7.04 -12.10
N SER B 51 23.24 -7.48 -11.03
CA SER B 51 24.64 -7.87 -11.12
C SER B 51 24.89 -9.22 -11.78
N GLU B 52 25.32 -9.19 -13.04
CA GLU B 52 25.60 -10.41 -13.78
C GLU B 52 26.72 -11.17 -13.10
N GLU B 53 27.77 -10.43 -12.71
CA GLU B 53 28.91 -11.02 -12.03
C GLU B 53 28.47 -11.69 -10.73
N GLY B 54 27.63 -10.99 -9.97
CA GLY B 54 27.15 -11.53 -8.71
C GLY B 54 26.33 -12.80 -8.87
N LEU B 55 25.43 -12.80 -9.85
CA LEU B 55 24.60 -13.97 -10.11
C LEU B 55 25.44 -15.18 -10.47
N GLN B 56 26.47 -14.96 -11.27
CA GLN B 56 27.39 -16.02 -11.68
C GLN B 56 27.91 -16.79 -10.48
N LYS B 57 28.43 -16.07 -9.49
CA LYS B 57 28.96 -16.71 -8.29
C LYS B 57 27.96 -17.61 -7.59
N VAL B 58 26.72 -17.13 -7.44
CA VAL B 58 25.69 -17.92 -6.75
C VAL B 58 25.21 -19.14 -7.54
N VAL B 59 25.02 -18.98 -8.84
CA VAL B 59 24.56 -20.12 -9.64
C VAL B 59 25.60 -21.23 -9.59
N SER B 60 26.88 -20.85 -9.58
CA SER B 60 27.96 -21.83 -9.51
C SER B 60 27.89 -22.57 -8.18
N ARG B 61 27.71 -21.81 -7.10
CA ARG B 61 27.62 -22.38 -5.76
C ARG B 61 26.38 -23.28 -5.66
N CYS B 62 25.33 -22.93 -6.39
CA CYS B 62 24.10 -23.73 -6.38
C CYS B 62 24.36 -25.12 -6.95
N LEU B 63 25.06 -25.19 -8.09
CA LEU B 63 25.37 -26.48 -8.70
C LEU B 63 26.20 -27.33 -7.74
N GLU B 64 27.18 -26.72 -7.10
CA GLU B 64 28.02 -27.42 -6.14
C GLU B 64 27.13 -27.97 -5.03
N LEU B 65 26.20 -27.14 -4.55
CA LEU B 65 25.30 -27.51 -3.48
C LEU B 65 24.32 -28.63 -3.82
N GLY B 66 24.15 -28.92 -5.11
CA GLY B 66 23.25 -30.01 -5.49
C GLY B 66 21.96 -29.65 -6.22
N ALA B 67 21.92 -28.49 -6.85
CA ALA B 67 20.72 -28.07 -7.57
C ALA B 67 20.47 -28.99 -8.75
N ALA B 68 19.21 -29.23 -9.07
CA ALA B 68 18.84 -30.08 -10.19
C ALA B 68 19.24 -29.37 -11.48
N SER B 69 19.36 -28.06 -11.39
CA SER B 69 19.76 -27.19 -12.50
C SER B 69 19.76 -25.76 -11.97
N ALA B 70 20.51 -24.87 -12.61
CA ALA B 70 20.57 -23.50 -12.14
C ALA B 70 20.98 -22.53 -13.24
N HIS B 71 20.20 -21.47 -13.40
CA HIS B 71 20.46 -20.46 -14.42
C HIS B 71 20.21 -19.07 -13.85
N TYR B 72 20.74 -18.04 -14.51
CA TYR B 72 20.55 -16.67 -14.07
C TYR B 72 20.31 -15.76 -15.27
N ILE B 73 19.52 -14.71 -15.08
CA ILE B 73 19.23 -13.77 -16.14
C ILE B 73 19.30 -12.36 -15.56
N ALA B 74 20.44 -11.70 -15.74
CA ALA B 74 20.63 -10.36 -15.21
C ALA B 74 19.69 -9.34 -15.84
N GLY B 75 19.29 -8.34 -15.05
CA GLY B 75 18.40 -7.30 -15.53
C GLY B 75 17.86 -6.41 -14.42
N THR B 76 17.20 -5.33 -14.80
CA THR B 76 16.63 -4.41 -13.83
C THR B 76 15.12 -4.53 -13.79
N MET B 77 14.59 -4.66 -12.58
CA MET B 77 13.15 -4.79 -12.41
C MET B 77 12.43 -3.45 -12.54
N GLU B 78 13.16 -2.43 -12.96
CA GLU B 78 12.56 -1.12 -13.16
C GLU B 78 11.91 -1.16 -14.54
N ASP B 79 12.29 -2.18 -15.30
CA ASP B 79 11.79 -2.40 -16.66
C ASP B 79 10.66 -3.43 -16.64
N MET B 80 9.42 -2.98 -16.77
CA MET B 80 8.29 -3.89 -16.74
C MET B 80 8.30 -4.95 -17.84
N THR B 81 8.92 -4.66 -18.98
CA THR B 81 8.97 -5.64 -20.06
C THR B 81 10.00 -6.71 -19.72
N PHE B 82 11.13 -6.29 -19.16
CA PHE B 82 12.16 -7.24 -18.77
C PHE B 82 11.61 -8.14 -17.67
N ALA B 83 10.73 -7.58 -16.85
CA ALA B 83 10.12 -8.31 -15.74
C ALA B 83 9.17 -9.39 -16.22
N GLU B 84 8.32 -9.06 -17.17
CA GLU B 84 7.36 -10.05 -17.65
C GLU B 84 8.04 -11.08 -18.56
N GLN B 85 9.06 -10.65 -19.29
CA GLN B 85 9.77 -11.58 -20.18
C GLN B 85 10.74 -12.46 -19.41
N PHE B 86 11.21 -12.00 -18.25
CA PHE B 86 12.12 -12.81 -17.46
C PHE B 86 11.35 -14.05 -17.01
N ILE B 87 10.08 -13.87 -16.67
CA ILE B 87 9.26 -14.97 -16.21
C ILE B 87 8.99 -15.97 -17.34
N VAL B 88 8.72 -15.47 -18.54
CA VAL B 88 8.45 -16.36 -19.66
C VAL B 88 9.69 -17.19 -20.02
N LYS B 89 10.85 -16.53 -20.09
CA LYS B 89 12.09 -17.23 -20.40
C LYS B 89 12.43 -18.28 -19.34
N ALA B 90 12.36 -17.89 -18.08
CA ALA B 90 12.66 -18.81 -16.99
C ALA B 90 11.74 -20.03 -17.06
N GLY B 91 10.47 -19.76 -17.36
CA GLY B 91 9.50 -20.84 -17.46
C GLY B 91 9.86 -21.81 -18.57
N LYS B 92 10.26 -21.27 -19.72
CA LYS B 92 10.66 -22.10 -20.85
C LYS B 92 11.86 -22.94 -20.44
N LEU B 93 12.85 -22.29 -19.84
CA LEU B 93 14.07 -22.95 -19.40
C LEU B 93 13.87 -24.16 -18.51
N MET B 94 12.95 -24.08 -17.56
CA MET B 94 12.73 -25.21 -16.65
C MET B 94 11.58 -26.10 -17.11
N GLY B 95 10.81 -25.62 -18.08
CA GLY B 95 9.70 -26.38 -18.59
C GLY B 95 8.50 -26.31 -17.66
N GLY B 96 8.35 -25.17 -16.97
CA GLY B 96 7.24 -25.00 -16.05
C GLY B 96 7.68 -24.20 -14.84
N LEU B 97 6.76 -23.99 -13.90
CA LEU B 97 7.05 -23.24 -12.68
C LEU B 97 6.23 -23.75 -11.50
N ASP B 98 6.92 -24.01 -10.39
CA ASP B 98 6.26 -24.50 -9.19
C ASP B 98 6.16 -23.44 -8.09
N MET B 99 7.17 -22.60 -7.98
CA MET B 99 7.21 -21.59 -6.94
C MET B 99 7.88 -20.31 -7.43
N LEU B 100 7.23 -19.18 -7.15
CA LEU B 100 7.73 -17.87 -7.52
C LEU B 100 8.03 -17.08 -6.24
N ILE B 101 9.28 -16.71 -6.06
CA ILE B 101 9.68 -15.95 -4.88
C ILE B 101 10.08 -14.54 -5.26
N LEU B 102 9.19 -13.58 -4.99
CA LEU B 102 9.41 -12.17 -5.29
C LEU B 102 10.12 -11.54 -4.10
N ASN B 103 11.41 -11.26 -4.27
CA ASN B 103 12.23 -10.75 -3.19
C ASN B 103 13.04 -9.48 -3.46
N HIS B 104 13.15 -9.07 -4.71
CA HIS B 104 13.92 -7.89 -5.05
C HIS B 104 13.33 -6.58 -4.52
N ILE B 105 14.20 -5.60 -4.34
CA ILE B 105 13.83 -4.30 -3.82
C ILE B 105 14.73 -3.22 -4.43
N THR B 106 14.22 -2.01 -4.60
CA THR B 106 15.06 -0.95 -5.12
C THR B 106 15.81 -0.38 -3.92
N GLN B 107 16.85 0.41 -4.17
CA GLN B 107 17.63 0.98 -3.08
C GLN B 107 16.87 2.06 -2.34
N THR B 108 17.10 2.11 -1.03
CA THR B 108 16.48 3.11 -0.17
C THR B 108 17.31 3.24 1.09
N SER B 109 17.48 4.46 1.56
CA SER B 109 18.24 4.70 2.76
C SER B 109 17.28 5.37 3.74
N LEU B 110 17.57 5.21 5.03
CA LEU B 110 16.73 5.81 6.05
C LEU B 110 16.85 7.33 6.00
N SER B 111 15.71 8.01 6.01
CA SER B 111 15.72 9.47 6.00
C SER B 111 14.30 10.02 6.10
N LEU B 112 14.15 11.08 6.87
CA LEU B 112 12.85 11.71 7.02
C LEU B 112 12.46 12.18 5.63
N PHE B 113 11.25 11.82 5.21
CA PHE B 113 10.77 12.17 3.88
C PHE B 113 10.73 13.69 3.67
N HIS B 114 10.98 14.11 2.43
CA HIS B 114 10.95 15.53 2.11
C HIS B 114 10.15 15.82 0.83
N ASP B 115 10.74 15.54 -0.33
CA ASP B 115 10.04 15.79 -1.59
C ASP B 115 10.58 14.97 -2.76
N ASP B 116 11.23 13.86 -2.46
CA ASP B 116 11.80 13.00 -3.49
C ASP B 116 10.68 12.22 -4.20
N ILE B 117 9.93 12.89 -5.06
CA ILE B 117 8.82 12.26 -5.77
C ILE B 117 9.27 11.21 -6.80
N HIS B 118 10.40 11.45 -7.45
CA HIS B 118 10.87 10.48 -8.43
C HIS B 118 11.32 9.21 -7.75
N SER B 119 11.78 9.33 -6.50
CA SER B 119 12.19 8.15 -5.74
C SER B 119 10.94 7.34 -5.40
N VAL B 120 9.93 8.03 -4.90
CA VAL B 120 8.68 7.37 -4.55
C VAL B 120 8.14 6.58 -5.74
N ARG B 121 8.09 7.21 -6.90
CA ARG B 121 7.61 6.54 -8.10
C ARG B 121 8.50 5.34 -8.42
N ARG B 122 9.82 5.50 -8.27
CA ARG B 122 10.72 4.40 -8.55
C ARG B 122 10.47 3.24 -7.60
N VAL B 123 10.32 3.56 -6.32
CA VAL B 123 10.08 2.54 -5.31
C VAL B 123 8.79 1.76 -5.56
N MET B 124 7.71 2.47 -5.90
CA MET B 124 6.44 1.80 -6.16
C MET B 124 6.54 0.95 -7.42
N GLU B 125 7.34 1.42 -8.37
CA GLU B 125 7.55 0.72 -9.64
C GLU B 125 8.26 -0.61 -9.40
N VAL B 126 9.42 -0.55 -8.75
CA VAL B 126 10.20 -1.75 -8.47
C VAL B 126 9.61 -2.63 -7.37
N ASN B 127 9.41 -2.04 -6.21
CA ASN B 127 8.89 -2.76 -5.05
C ASN B 127 7.49 -3.33 -5.17
N PHE B 128 6.64 -2.70 -5.99
CA PHE B 128 5.25 -3.14 -6.13
C PHE B 128 4.79 -3.55 -7.53
N LEU B 129 4.83 -2.61 -8.48
CA LEU B 129 4.40 -2.90 -9.84
C LEU B 129 5.05 -4.11 -10.50
N SER B 130 6.38 -4.20 -10.44
CA SER B 130 7.06 -5.34 -11.05
C SER B 130 6.54 -6.64 -10.45
N TYR B 131 6.15 -6.59 -9.18
CA TYR B 131 5.62 -7.78 -8.49
C TYR B 131 4.30 -8.24 -9.08
N VAL B 132 3.41 -7.30 -9.42
CA VAL B 132 2.14 -7.72 -9.98
C VAL B 132 2.38 -8.19 -11.41
N VAL B 133 3.29 -7.53 -12.10
CA VAL B 133 3.63 -7.91 -13.47
C VAL B 133 4.14 -9.35 -13.51
N MET B 134 5.06 -9.68 -12.63
CA MET B 134 5.60 -11.03 -12.61
C MET B 134 4.58 -12.08 -12.17
N SER B 135 3.79 -11.76 -11.16
CA SER B 135 2.79 -12.71 -10.68
C SER B 135 1.72 -12.95 -11.75
N THR B 136 1.42 -11.93 -12.52
CA THR B 136 0.42 -12.05 -13.58
C THR B 136 1.00 -12.96 -14.68
N ALA B 137 2.23 -12.66 -15.08
CA ALA B 137 2.91 -13.42 -16.12
C ALA B 137 3.15 -14.87 -15.72
N ALA B 138 3.31 -15.11 -14.41
CA ALA B 138 3.59 -16.46 -13.93
C ALA B 138 2.37 -17.29 -13.54
N LEU B 139 1.25 -16.63 -13.29
CA LEU B 139 0.06 -17.35 -12.87
C LEU B 139 -0.38 -18.51 -13.76
N PRO B 140 -0.35 -18.34 -15.09
CA PRO B 140 -0.76 -19.46 -15.95
C PRO B 140 0.02 -20.74 -15.64
N MET B 141 1.34 -20.65 -15.56
CA MET B 141 2.15 -21.82 -15.26
C MET B 141 1.87 -22.36 -13.86
N LEU B 142 1.70 -21.46 -12.89
CA LEU B 142 1.42 -21.87 -11.52
C LEU B 142 0.09 -22.61 -11.43
N LYS B 143 -0.87 -22.24 -12.28
CA LYS B 143 -2.16 -22.89 -12.28
C LYS B 143 -2.07 -24.34 -12.72
N GLN B 144 -1.13 -24.63 -13.63
CA GLN B 144 -0.96 -25.99 -14.11
C GLN B 144 -0.35 -26.92 -13.07
N SER B 145 0.53 -26.38 -12.23
CA SER B 145 1.17 -27.20 -11.21
C SER B 145 0.62 -26.95 -9.82
N ASN B 146 -0.37 -26.07 -9.72
CA ASN B 146 -0.93 -25.72 -8.42
C ASN B 146 0.23 -25.20 -7.58
N GLY B 147 0.97 -24.27 -8.17
CA GLY B 147 2.12 -23.70 -7.52
C GLY B 147 1.87 -22.74 -6.37
N SER B 148 2.92 -21.99 -6.04
CA SER B 148 2.87 -21.05 -4.94
C SER B 148 3.63 -19.78 -5.28
N ILE B 149 3.31 -18.72 -4.54
CA ILE B 149 3.98 -17.45 -4.71
C ILE B 149 4.37 -16.94 -3.32
N ALA B 150 5.61 -16.53 -3.19
CA ALA B 150 6.08 -15.99 -1.93
C ALA B 150 6.40 -14.54 -2.19
N VAL B 151 5.77 -13.66 -1.44
CA VAL B 151 6.08 -12.24 -1.62
C VAL B 151 6.70 -11.80 -0.31
N ILE B 152 7.95 -11.37 -0.41
CA ILE B 152 8.73 -10.93 0.74
C ILE B 152 8.33 -9.51 1.13
N SER B 153 7.98 -9.36 2.41
CA SER B 153 7.62 -8.06 2.95
C SER B 153 8.41 -7.88 4.25
N SER B 154 7.99 -6.92 5.07
CA SER B 154 8.67 -6.68 6.33
C SER B 154 7.70 -6.15 7.36
N LEU B 155 8.20 -5.96 8.59
CA LEU B 155 7.35 -5.42 9.64
C LEU B 155 6.79 -4.11 9.13
N ALA B 156 7.58 -3.38 8.36
CA ALA B 156 7.18 -2.09 7.83
C ALA B 156 6.03 -2.20 6.83
N GLY B 157 5.56 -3.43 6.61
CA GLY B 157 4.45 -3.64 5.71
C GLY B 157 3.18 -3.95 6.48
N LYS B 158 3.31 -3.95 7.81
CA LYS B 158 2.20 -4.25 8.71
C LYS B 158 2.07 -3.14 9.76
N MET B 159 3.14 -2.37 9.93
CA MET B 159 3.16 -1.30 10.89
C MET B 159 3.98 -0.16 10.33
N THR B 160 4.04 0.92 11.09
CA THR B 160 4.74 2.13 10.68
C THR B 160 5.91 2.52 11.60
N GLN B 161 6.99 3.00 10.96
CA GLN B 161 8.20 3.44 11.65
C GLN B 161 8.76 4.62 10.86
N PRO B 162 9.36 5.62 11.53
CA PRO B 162 9.89 6.74 10.76
C PRO B 162 11.10 6.47 9.84
N MET B 163 11.25 7.34 8.85
CA MET B 163 12.34 7.34 7.89
C MET B 163 12.30 6.33 6.73
N ILE B 164 11.14 5.71 6.50
CA ILE B 164 11.00 4.75 5.40
C ILE B 164 9.59 4.80 4.79
N ALA B 165 9.06 6.01 4.65
CA ALA B 165 7.72 6.19 4.09
C ALA B 165 7.52 5.51 2.73
N PRO B 166 8.41 5.77 1.75
CA PRO B 166 8.30 5.16 0.42
C PRO B 166 8.29 3.63 0.45
N TYR B 167 9.28 3.08 1.15
CA TYR B 167 9.43 1.64 1.29
C TYR B 167 8.17 1.04 1.94
N SER B 168 7.75 1.65 3.03
CA SER B 168 6.60 1.19 3.78
C SER B 168 5.31 1.19 2.95
N ALA B 169 5.15 2.22 2.12
CA ALA B 169 3.97 2.34 1.26
C ALA B 169 3.95 1.19 0.25
N SER B 170 5.11 0.86 -0.30
CA SER B 170 5.18 -0.22 -1.28
C SER B 170 4.90 -1.57 -0.63
N LYS B 171 5.34 -1.75 0.60
CA LYS B 171 5.10 -3.00 1.30
C LYS B 171 3.62 -3.13 1.71
N PHE B 172 3.00 -2.02 2.11
CA PHE B 172 1.59 -2.05 2.48
C PHE B 172 0.78 -2.39 1.22
N ALA B 173 1.16 -1.76 0.11
CA ALA B 173 0.50 -1.99 -1.17
C ALA B 173 0.51 -3.47 -1.54
N LEU B 174 1.62 -4.16 -1.27
CA LEU B 174 1.74 -5.58 -1.60
C LEU B 174 0.74 -6.40 -0.79
N ASP B 175 0.55 -6.03 0.47
CA ASP B 175 -0.39 -6.74 1.33
C ASP B 175 -1.79 -6.56 0.76
N GLY B 176 -2.16 -5.34 0.42
CA GLY B 176 -3.48 -5.08 -0.13
C GLY B 176 -3.72 -5.81 -1.44
N PHE B 177 -2.79 -5.72 -2.37
CA PHE B 177 -2.94 -6.37 -3.66
C PHE B 177 -2.97 -7.89 -3.58
N PHE B 178 -1.95 -8.48 -2.97
CA PHE B 178 -1.87 -9.94 -2.89
C PHE B 178 -2.82 -10.65 -1.96
N SER B 179 -3.29 -9.98 -0.92
CA SER B 179 -4.25 -10.65 -0.04
C SER B 179 -5.57 -10.75 -0.81
N THR B 180 -5.79 -9.79 -1.71
CA THR B 180 -6.99 -9.79 -2.52
C THR B 180 -6.84 -10.93 -3.53
N ILE B 181 -5.68 -10.98 -4.19
CA ILE B 181 -5.42 -12.03 -5.16
C ILE B 181 -5.58 -13.40 -4.50
N ARG B 182 -5.01 -13.57 -3.30
CA ARG B 182 -5.12 -14.84 -2.59
C ARG B 182 -6.57 -15.26 -2.38
N THR B 183 -7.40 -14.35 -1.89
CA THR B 183 -8.79 -14.68 -1.65
C THR B 183 -9.54 -14.90 -2.96
N GLU B 184 -9.12 -14.24 -4.04
CA GLU B 184 -9.77 -14.42 -5.33
C GLU B 184 -9.45 -15.81 -5.89
N LEU B 185 -8.20 -16.24 -5.72
CA LEU B 185 -7.80 -17.56 -6.19
C LEU B 185 -8.62 -18.60 -5.44
N TYR B 186 -8.80 -18.37 -4.15
CA TYR B 186 -9.54 -19.28 -3.29
C TYR B 186 -11.03 -19.42 -3.61
N ILE B 187 -11.73 -18.31 -3.81
CA ILE B 187 -13.16 -18.39 -4.09
C ILE B 187 -13.48 -18.90 -5.50
N THR B 188 -12.52 -18.83 -6.42
CA THR B 188 -12.74 -19.33 -7.77
C THR B 188 -12.20 -20.76 -7.87
N LYS B 189 -11.84 -21.33 -6.72
CA LYS B 189 -11.32 -22.68 -6.64
C LYS B 189 -10.00 -22.96 -7.36
N VAL B 190 -9.17 -21.93 -7.56
CA VAL B 190 -7.88 -22.13 -8.20
C VAL B 190 -6.85 -22.45 -7.11
N ASN B 191 -6.19 -23.59 -7.24
CA ASN B 191 -5.24 -24.01 -6.23
C ASN B 191 -3.81 -23.51 -6.33
N VAL B 192 -3.66 -22.19 -6.19
CA VAL B 192 -2.35 -21.53 -6.20
C VAL B 192 -2.32 -20.76 -4.88
N SER B 193 -1.29 -20.98 -4.08
CA SER B 193 -1.21 -20.30 -2.80
C SER B 193 -0.31 -19.06 -2.80
N ILE B 194 -0.63 -18.11 -1.94
CA ILE B 194 0.14 -16.86 -1.83
C ILE B 194 0.58 -16.69 -0.39
N THR B 195 1.89 -16.64 -0.17
CA THR B 195 2.47 -16.50 1.16
C THR B 195 3.17 -15.14 1.34
N LEU B 196 2.64 -14.30 2.22
CA LEU B 196 3.24 -13.01 2.50
C LEU B 196 4.21 -13.25 3.65
N CYS B 197 5.48 -12.94 3.44
CA CYS B 197 6.47 -13.18 4.48
C CYS B 197 6.85 -11.87 5.15
N VAL B 198 6.47 -11.73 6.42
CA VAL B 198 6.74 -10.52 7.20
C VAL B 198 8.03 -10.72 7.99
N LEU B 199 9.09 -10.05 7.53
CA LEU B 199 10.41 -10.17 8.15
C LEU B 199 10.84 -9.04 9.07
N GLY B 200 11.43 -9.40 10.19
CA GLY B 200 11.94 -8.40 11.10
C GLY B 200 13.31 -8.00 10.56
N LEU B 201 14.14 -7.38 11.39
CA LEU B 201 15.48 -6.97 10.94
C LEU B 201 16.35 -8.20 10.64
N ILE B 202 16.81 -8.33 9.41
CA ILE B 202 17.66 -9.45 9.05
C ILE B 202 19.12 -9.05 8.92
N ASP B 203 19.99 -9.96 9.33
CA ASP B 203 21.43 -9.76 9.34
C ASP B 203 22.16 -9.66 8.00
N THR B 204 21.58 -8.96 7.04
CA THR B 204 22.24 -8.82 5.75
C THR B 204 23.12 -7.58 5.78
N GLU B 205 24.15 -7.56 4.94
CA GLU B 205 25.06 -6.45 4.87
C GLU B 205 24.36 -5.15 4.52
N THR B 206 23.43 -5.22 3.57
CA THR B 206 22.68 -4.04 3.15
C THR B 206 21.88 -3.44 4.29
N ALA B 207 21.21 -4.29 5.05
CA ALA B 207 20.40 -3.84 6.18
C ALA B 207 21.29 -3.23 7.24
N MET B 208 22.24 -4.02 7.74
CA MET B 208 23.16 -3.57 8.78
C MET B 208 23.84 -2.26 8.44
N LYS B 209 24.19 -2.10 7.17
CA LYS B 209 24.86 -0.88 6.74
C LYS B 209 23.91 0.31 6.71
N GLU B 210 22.70 0.08 6.21
CA GLU B 210 21.71 1.15 6.10
C GLU B 210 21.16 1.70 7.43
N ILE B 211 21.16 0.89 8.48
CA ILE B 211 20.64 1.35 9.77
C ILE B 211 21.74 1.87 10.69
N SER B 212 22.98 1.68 10.31
CA SER B 212 24.13 2.12 11.12
C SER B 212 24.00 3.55 11.63
N GLY B 213 24.09 3.71 12.94
CA GLY B 213 23.99 5.03 13.55
C GLY B 213 22.59 5.60 13.58
N ILE B 214 21.62 4.90 12.98
CA ILE B 214 20.24 5.36 12.95
C ILE B 214 19.33 4.48 13.83
N ILE B 215 19.38 3.18 13.60
CA ILE B 215 18.58 2.23 14.35
C ILE B 215 19.47 1.20 15.03
N ASN B 216 19.32 1.07 16.33
CA ASN B 216 20.11 0.12 17.10
C ASN B 216 19.21 -1.00 17.61
N ALA B 217 19.19 -2.11 16.88
CA ALA B 217 18.38 -3.26 17.26
C ALA B 217 19.11 -4.55 16.88
N GLN B 218 18.63 -5.67 17.41
CA GLN B 218 19.22 -6.96 17.13
C GLN B 218 18.62 -7.56 15.87
N ALA B 219 19.48 -8.12 15.01
CA ALA B 219 19.01 -8.72 13.77
C ALA B 219 19.03 -10.24 13.86
N SER B 220 18.24 -10.89 13.01
CA SER B 220 18.18 -12.34 12.95
C SER B 220 19.09 -12.83 11.83
N PRO B 221 19.52 -14.09 11.89
CA PRO B 221 20.41 -14.70 10.89
C PRO B 221 19.72 -14.88 9.53
N LYS B 222 20.35 -14.39 8.47
CA LYS B 222 19.80 -14.48 7.12
C LYS B 222 19.56 -15.91 6.63
N GLU B 223 20.41 -16.85 7.02
CA GLU B 223 20.24 -18.23 6.60
C GLU B 223 18.96 -18.86 7.13
N GLU B 224 18.70 -18.74 8.42
CA GLU B 224 17.49 -19.31 9.00
C GLU B 224 16.25 -18.63 8.43
N CYS B 225 16.36 -17.33 8.17
CA CYS B 225 15.25 -16.56 7.61
C CYS B 225 14.84 -17.15 6.26
N ALA B 226 15.82 -17.42 5.41
CA ALA B 226 15.56 -17.98 4.09
C ALA B 226 14.87 -19.33 4.19
N LEU B 227 15.34 -20.15 5.13
CA LEU B 227 14.77 -21.48 5.31
C LEU B 227 13.30 -21.41 5.75
N GLU B 228 12.96 -20.45 6.60
CA GLU B 228 11.59 -20.30 7.07
C GLU B 228 10.66 -19.86 5.94
N ILE B 229 11.13 -18.96 5.09
CA ILE B 229 10.34 -18.50 3.96
C ILE B 229 9.98 -19.67 3.06
N ILE B 230 10.97 -20.51 2.75
CA ILE B 230 10.77 -21.67 1.90
C ILE B 230 9.81 -22.68 2.54
N LYS B 231 10.03 -22.99 3.82
CA LYS B 231 9.17 -23.92 4.54
C LYS B 231 7.73 -23.43 4.57
N GLY B 232 7.57 -22.13 4.85
CA GLY B 232 6.24 -21.55 4.91
C GLY B 232 5.53 -21.60 3.58
N THR B 233 6.24 -21.22 2.52
CA THR B 233 5.65 -21.22 1.19
C THR B 233 5.33 -22.66 0.78
N ALA B 234 6.26 -23.57 1.05
CA ALA B 234 6.04 -24.97 0.70
C ALA B 234 4.80 -25.50 1.41
N LEU B 235 4.56 -25.05 2.64
CA LEU B 235 3.40 -25.50 3.40
C LEU B 235 2.14 -24.73 3.05
N ARG B 236 2.27 -23.82 2.10
CA ARG B 236 1.16 -23.00 1.64
C ARG B 236 0.48 -22.17 2.74
N LYS B 237 1.27 -21.63 3.65
CA LYS B 237 0.75 -20.79 4.73
C LYS B 237 0.39 -19.44 4.10
N SER B 238 -0.64 -18.78 4.62
CA SER B 238 -1.02 -17.47 4.09
C SER B 238 0.01 -16.41 4.48
N GLU B 239 0.53 -16.54 5.70
CA GLU B 239 1.52 -15.60 6.20
C GLU B 239 2.62 -16.22 7.04
N VAL B 240 3.81 -15.67 6.91
CA VAL B 240 4.96 -16.14 7.67
C VAL B 240 5.61 -14.95 8.35
N TYR B 241 5.78 -15.03 9.65
CA TYR B 241 6.43 -13.98 10.43
C TYR B 241 7.75 -14.54 10.91
N TYR B 242 8.81 -13.79 10.68
CA TYR B 242 10.13 -14.20 11.11
C TYR B 242 10.77 -12.99 11.77
N ASP B 243 10.90 -13.06 13.09
CA ASP B 243 11.47 -11.95 13.87
C ASP B 243 11.99 -12.47 15.20
N LYS B 244 12.77 -11.64 15.89
CA LYS B 244 13.34 -12.03 17.19
C LYS B 244 12.27 -12.34 18.22
N SER B 245 11.32 -11.42 18.39
CA SER B 245 10.26 -11.58 19.38
C SER B 245 9.12 -12.52 19.04
N PRO B 246 8.77 -13.41 19.97
CA PRO B 246 7.66 -14.34 19.70
C PRO B 246 6.32 -13.61 19.82
N LEU B 247 6.39 -12.33 20.21
CA LEU B 247 5.19 -11.51 20.36
C LEU B 247 4.81 -10.83 19.05
N THR B 248 5.78 -10.64 18.17
CA THR B 248 5.55 -9.98 16.88
C THR B 248 4.38 -10.55 16.05
N PRO B 249 4.35 -11.88 15.85
CA PRO B 249 3.26 -12.47 15.07
C PRO B 249 1.90 -12.19 15.72
N ILE B 250 1.85 -12.23 17.04
CA ILE B 250 0.60 -12.00 17.76
C ILE B 250 0.15 -10.54 17.64
N LEU B 251 1.09 -9.62 17.86
CA LEU B 251 0.79 -8.19 17.81
C LEU B 251 0.46 -7.66 16.42
N LEU B 252 1.01 -8.26 15.38
CA LEU B 252 0.75 -7.80 14.04
C LEU B 252 -0.23 -8.65 13.24
N GLY B 253 -0.59 -9.80 13.80
CA GLY B 253 -1.51 -10.73 13.15
C GLY B 253 -2.87 -10.17 12.78
N ASN B 254 -3.28 -9.11 13.46
CA ASN B 254 -4.56 -8.47 13.17
C ASN B 254 -5.75 -9.44 13.04
N PRO B 255 -6.14 -10.10 14.15
CA PRO B 255 -7.27 -11.03 14.09
C PRO B 255 -8.58 -10.31 13.76
N GLY B 256 -8.69 -9.05 14.17
CA GLY B 256 -9.88 -8.29 13.88
C GLY B 256 -10.12 -8.17 12.39
N ARG B 257 -9.05 -7.99 11.62
CA ARG B 257 -9.15 -7.89 10.18
C ARG B 257 -9.65 -9.21 9.58
N LYS B 258 -9.11 -10.32 10.06
CA LYS B 258 -9.50 -11.62 9.55
C LYS B 258 -10.99 -11.84 9.78
N ILE B 259 -11.50 -11.36 10.92
CA ILE B 259 -12.91 -11.49 11.20
C ILE B 259 -13.73 -10.64 10.23
N MET B 260 -13.32 -9.40 10.01
CA MET B 260 -14.04 -8.53 9.09
C MET B 260 -14.09 -9.09 7.67
N GLU B 261 -12.97 -9.65 7.21
CA GLU B 261 -12.90 -10.21 5.86
C GLU B 261 -13.84 -11.40 5.69
N PHE B 262 -13.98 -12.20 6.75
CA PHE B 262 -14.86 -13.34 6.72
C PHE B 262 -16.31 -12.88 6.58
N PHE B 263 -16.71 -11.91 7.39
CA PHE B 263 -18.08 -11.43 7.35
C PHE B 263 -18.43 -10.68 6.05
N SER B 264 -17.48 -9.94 5.50
CA SER B 264 -17.73 -9.18 4.29
C SER B 264 -18.03 -10.02 3.07
N LEU B 265 -17.40 -11.19 2.98
CA LEU B 265 -17.64 -12.08 1.85
C LEU B 265 -19.11 -12.41 1.69
N ARG B 266 -19.84 -12.42 2.80
CA ARG B 266 -21.26 -12.73 2.77
C ARG B 266 -22.12 -11.81 1.93
N TYR B 267 -21.65 -10.60 1.65
CA TYR B 267 -22.43 -9.66 0.87
C TYR B 267 -22.21 -9.77 -0.63
N TYR B 268 -21.26 -10.60 -1.05
CA TYR B 268 -20.96 -10.78 -2.47
C TYR B 268 -21.86 -11.83 -3.14
N ASN B 269 -22.23 -11.55 -4.39
CA ASN B 269 -23.05 -12.47 -5.19
C ASN B 269 -22.09 -13.57 -5.64
N LYS B 270 -22.22 -14.76 -5.06
CA LYS B 270 -21.35 -15.89 -5.40
C LYS B 270 -21.30 -16.26 -6.88
N ASP B 271 -22.26 -15.79 -7.68
CA ASP B 271 -22.24 -16.11 -9.10
C ASP B 271 -21.08 -15.42 -9.79
N MET B 272 -20.63 -14.29 -9.23
CA MET B 272 -19.53 -13.55 -9.83
C MET B 272 -18.19 -14.26 -9.70
N PHE B 273 -18.10 -15.26 -8.84
CA PHE B 273 -16.84 -15.97 -8.64
C PHE B 273 -16.70 -17.17 -9.59
S SO4 C . -23.61 11.70 -6.16
O1 SO4 C . -22.66 11.32 -7.14
O2 SO4 C . -24.88 11.86 -6.79
O3 SO4 C . -23.76 10.70 -5.15
O4 SO4 C . -23.21 12.91 -5.54
S SO4 D . -26.15 16.53 -10.30
O1 SO4 D . -24.94 15.87 -9.94
O2 SO4 D . -26.63 15.96 -11.52
O3 SO4 D . -27.11 16.34 -9.27
O4 SO4 D . -25.91 17.93 -10.49
PA NDP E . -16.78 9.73 -6.76
O1A NDP E . -18.26 10.06 -6.65
O2A NDP E . -16.45 8.92 -8.01
O5B NDP E . -15.93 11.06 -6.79
C5B NDP E . -14.60 11.04 -7.34
C4B NDP E . -14.12 12.49 -7.44
O4B NDP E . -12.82 12.49 -8.06
C3B NDP E . -15.10 13.36 -8.33
O3B NDP E . -15.53 14.70 -8.00
C2B NDP E . -14.34 13.35 -9.64
O2B NDP E . -14.65 14.46 -10.44
C1B NDP E . -12.83 13.25 -9.28
N9A NDP E . -12.00 12.53 -10.27
C8A NDP E . -12.23 11.35 -10.91
N7A NDP E . -11.21 10.94 -11.70
C5A NDP E . -10.20 11.90 -11.59
C6A NDP E . -8.90 12.15 -12.14
N6A NDP E . -8.26 11.37 -13.05
N1A NDP E . -8.22 13.32 -11.84
C2A NDP E . -8.79 14.24 -10.99
N3A NDP E . -10.01 14.05 -10.40
C4A NDP E . -10.73 12.90 -10.69
O3 NDP E . -16.33 8.97 -5.44
PN NDP E . -16.87 8.82 -3.95
O1N NDP E . -17.68 7.57 -3.80
O2N NDP E . -17.64 10.03 -3.49
O5D NDP E . -15.49 8.63 -3.16
C5D NDP E . -14.60 9.70 -2.85
C4D NDP E . -13.61 9.16 -1.79
O4D NDP E . -14.41 8.32 -0.97
C3D NDP E . -12.44 8.28 -2.40
O3D NDP E . -11.11 8.65 -1.88
C2D NDP E . -12.99 6.86 -2.12
O2D NDP E . -11.99 5.86 -2.30
C1D NDP E . -13.82 7.04 -0.78
N1N NDP E . -14.82 6.00 -0.44
C2N NDP E . -16.08 5.96 -1.03
C3N NDP E . -17.02 4.93 -0.70
C7N NDP E . -18.34 4.82 -1.29
O7N NDP E . -19.04 3.84 -1.06
N7N NDP E . -18.71 5.87 -2.09
C4N NDP E . -16.67 3.94 0.24
C5N NDP E . -15.42 4.00 0.84
C6N NDP E . -14.52 5.04 0.48
P2B NDP E . -14.51 14.27 -12.00
O1X NDP E . -15.40 15.35 -12.70
O2X NDP E . -14.90 12.81 -12.44
O3X NDP E . -12.99 14.53 -12.23
H51A NDP E . -14.64 10.58 -8.32
H52A NDP E . -13.97 10.46 -6.70
H4B NDP E . -14.03 12.83 -6.40
H3B NDP E . -16.01 12.76 -8.51
HO3A NDP E . -14.87 15.33 -7.71
H2B NDP E . -14.68 12.45 -10.15
H1B NDP E . -12.41 14.23 -9.07
H8A NDP E . -13.13 10.76 -10.76
H61A NDP E . -8.75 10.96 -13.82
H62A NDP E . -7.28 11.18 -12.96
H2A NDP E . -8.25 15.16 -10.80
H51N NDP E . -15.16 10.54 -2.46
H52N NDP E . -14.09 10.03 -3.75
H4D NDP E . -13.20 9.93 -1.19
H3D NDP E . -12.47 8.46 -3.49
HO3N NDP E . -10.69 8.04 -1.25
H2D NDP E . -13.76 6.73 -2.89
HO2N NDP E . -11.30 5.80 -1.63
H1D NDP E . -13.22 7.15 0.12
H2N NDP E . -16.37 6.72 -1.75
H71N NDP E . -19.59 5.81 -2.56
H72N NDP E . -18.20 6.72 -2.21
H42N NDP E . -17.37 3.16 0.47
H5N NDP E . -15.17 3.24 1.56
H6N NDP E . -13.55 5.08 0.96
C1 OCT F . -16.23 -1.33 -2.47
C2 OCT F . -16.23 -1.57 -0.95
C3 OCT F . -17.46 -2.39 -0.54
C4 OCT F . -17.51 -2.70 0.98
C5 OCT F . -18.47 -3.89 1.31
C6 OCT F . -18.21 -4.57 2.68
C7 OCT F . -19.25 -4.21 3.76
C8 OCT F . -18.71 -4.33 5.19
H11 OCT F . -15.32 -0.83 -2.77
H12 OCT F . -17.05 -0.69 -2.76
H13 OCT F . -16.31 -2.25 -3.01
H21 OCT F . -16.21 -0.62 -0.43
H22 OCT F . -15.33 -2.10 -0.68
H31 OCT F . -17.44 -3.31 -1.08
H32 OCT F . -18.35 -1.87 -0.83
H41 OCT F . -17.78 -1.82 1.54
H42 OCT F . -16.52 -2.97 1.30
H51 OCT F . -18.34 -4.64 0.54
H52 OCT F . -19.50 -3.57 1.24
H61 OCT F . -17.22 -4.30 3.03
H62 OCT F . -18.19 -5.64 2.56
H71 OCT F . -20.09 -4.87 3.65
H72 OCT F . -19.61 -3.21 3.59
H81 OCT F . -19.51 -4.21 5.90
H82 OCT F . -17.98 -3.55 5.39
H83 OCT F . -18.24 -5.28 5.36
S SO4 G . 25.00 -10.24 2.26
O1 SO4 G . 24.15 -9.85 3.33
O2 SO4 G . 24.45 -11.38 1.61
O3 SO4 G . 25.13 -9.19 1.32
O4 SO4 G . 26.25 -10.58 2.82
S SO4 H . 30.25 -11.64 -1.56
O1 SO4 H . 29.04 -11.40 -2.30
O2 SO4 H . 30.88 -12.81 -2.07
O3 SO4 H . 31.12 -10.51 -1.71
O4 SO4 H . 29.93 -11.83 -0.18
PA NDP I . 19.37 -6.69 -0.48
O1A NDP I . 20.59 -7.20 0.27
O2A NDP I . 19.48 -5.21 -0.82
O5B NDP I . 19.15 -7.54 -1.80
C5B NDP I . 18.34 -6.93 -2.81
C4B NDP I . 18.24 -7.81 -4.06
O4B NDP I . 17.49 -7.00 -4.97
C3B NDP I . 19.66 -8.12 -4.72
O3B NDP I . 20.02 -9.38 -5.34
C2B NDP I . 19.71 -7.02 -5.77
O2B NDP I . 20.49 -7.35 -6.93
C1B NDP I . 18.25 -6.82 -6.17
N9A NDP I . 18.01 -5.47 -6.73
C8A NDP I . 18.45 -4.24 -6.33
N7A NDP I . 18.05 -3.22 -7.14
C5A NDP I . 17.29 -3.83 -8.14
C6A NDP I . 16.60 -3.42 -9.32
N6A NDP I . 16.56 -2.10 -9.71
N1A NDP I . 15.98 -4.37 -10.16
C2A NDP I . 16.02 -5.72 -9.85
N3A NDP I . 16.66 -6.17 -8.71
C4A NDP I . 17.29 -5.26 -7.88
O3 NDP I . 18.08 -6.94 0.41
PN NDP I . 17.83 -7.87 1.65
O1N NDP I . 17.67 -7.02 2.90
O2N NDP I . 18.94 -8.88 1.83
O5D NDP I . 16.49 -8.67 1.35
C5D NDP I . 15.63 -8.43 0.22
C4D NDP I . 14.15 -8.59 0.67
O4D NDP I . 14.12 -8.82 2.08
C3D NDP I . 13.22 -7.37 0.33
O3D NDP I . 12.06 -7.84 -0.41
C2D NDP I . 13.01 -6.76 1.75
O2D NDP I . 11.90 -5.86 1.88
C1D NDP I . 13.16 -7.98 2.72
N1N NDP I . 13.58 -7.60 4.09
C2N NDP I . 14.90 -7.47 4.51
C3N NDP I . 15.19 -7.04 5.85
C7N NDP I . 16.51 -6.86 6.44
O7N NDP I . 16.62 -6.33 7.55
N7N NDP I . 17.57 -7.31 5.71
C4N NDP I . 14.15 -6.76 6.73
C5N NDP I . 12.83 -6.93 6.33
C6N NDP I . 12.59 -7.35 5.00
P2B NDP I . 21.29 -6.19 -7.69
O1X NDP I . 20.28 -5.63 -8.71
O2X NDP I . 22.50 -6.86 -8.41
O3X NDP I . 21.78 -5.07 -6.70
H51A NDP I . 18.78 -5.98 -3.07
H52A NDP I . 17.37 -6.77 -2.39
H4B NDP I . 17.66 -8.67 -3.77
H3B NDP I . 20.43 -7.87 -3.97
HO3A NDP I . 19.35 -9.90 -5.77
H2B NDP I . 20.15 -6.15 -5.30
H1B NDP I . 17.93 -7.58 -6.87
H8A NDP I . 19.08 -4.08 -5.46
H61A NDP I . 16.10 -1.84 -10.56
H62A NDP I . 16.98 -1.38 -9.16
H2A NDP I . 15.55 -6.43 -10.53
H51N NDP I . 15.88 -9.18 -0.52
H52N NDP I . 15.82 -7.46 -0.21
H4D NDP I . 13.75 -9.45 0.19
H3D NDP I . 13.82 -6.67 -0.28
HO3N NDP I . 11.19 -7.81 0.03
H2D NDP I . 13.94 -6.19 1.90
HO2N NDP I . 11.04 -6.20 1.61
H1D NDP I . 12.28 -8.58 2.84
H2N NDP I . 15.71 -7.71 3.83
H71N NDP I . 17.48 -7.77 4.82
H72N NDP I . 18.51 -7.21 6.07
H42N NDP I . 14.36 -6.43 7.74
H5N NDP I . 12.06 -6.74 7.03
H6N NDP I . 11.55 -7.47 4.69
C1 OCT J . 12.12 -3.04 15.52
C2 OCT J . 12.84 -1.99 14.64
C3 OCT J . 13.04 -2.55 13.22
C4 OCT J . 13.71 -1.61 12.25
C5 OCT J . 13.62 -2.08 10.78
C6 OCT J . 14.74 -1.39 9.93
C7 OCT J . 14.89 -1.81 8.49
C8 OCT J . 13.92 -1.05 7.61
H11 OCT J . 12.73 -3.92 15.65
H12 OCT J . 11.19 -3.36 15.08
H13 OCT J . 11.91 -2.65 16.51
H21 OCT J . 13.78 -1.71 15.08
H22 OCT J . 12.24 -1.09 14.59
H31 OCT J . 12.07 -2.83 12.83
H32 OCT J . 13.60 -3.48 13.28
H41 OCT J . 14.75 -1.54 12.54
H42 OCT J . 13.30 -0.61 12.35
H51 OCT J . 12.64 -1.87 10.36
H52 OCT J . 13.77 -3.15 10.73
H61 OCT J . 15.68 -1.60 10.43
H62 OCT J . 14.61 -0.32 9.98
H71 OCT J . 14.74 -2.88 8.38
H72 OCT J . 15.89 -1.60 8.15
H81 OCT J . 14.08 0.02 7.66
H82 OCT J . 14.02 -1.34 6.58
H83 OCT J . 12.89 -1.24 7.91
#